data_1IQ4
#
_entry.id   1IQ4
#
_cell.length_a   138.65
_cell.length_b   49.22
_cell.length_c   68.93
_cell.angle_alpha   90.0
_cell.angle_beta   117.32
_cell.angle_gamma   90.0
#
_symmetry.space_group_name_H-M   'C 1 2 1'
#
loop_
_entity.id
_entity.type
_entity.pdbx_description
1 polymer '50S RIBOSOMAL PROTEIN L5'
2 water water
#
_entity_poly.entity_id   1
_entity_poly.type   'polypeptide(L)'
_entity_poly.pdbx_seq_one_letter_code
;MNRLKEKYLNEVVPALMSKFNYKSIMQVPKIEKIVINMGVGDAVQNPKALDSAVEELTLIAGQRPVVTRAKKSIAGFRLR
QGMPIGAKVTLRGERMYEFLDKLISVSLPRARDFRGVSKKSFDGRGNYTLGIKEQLIFPEIDYDKVNKVRGMDIVIVTTA
NTDEEARELLALLGMPFQK
;
_entity_poly.pdbx_strand_id   A,B
#
# COMPACT_ATOMS: atom_id res chain seq x y z
N MET A 1 21.30 -7.33 12.52
CA MET A 1 21.17 -6.18 11.58
C MET A 1 20.06 -5.26 12.06
N ASN A 2 19.92 -4.13 11.41
CA ASN A 2 18.90 -3.16 11.76
C ASN A 2 17.50 -3.79 11.77
N ARG A 3 16.71 -3.43 12.76
CA ARG A 3 15.36 -3.95 12.90
C ARG A 3 14.51 -3.84 11.62
N LEU A 4 14.51 -2.65 11.03
CA LEU A 4 13.67 -2.44 9.85
C LEU A 4 14.21 -3.15 8.62
N LYS A 5 15.52 -3.22 8.48
CA LYS A 5 16.07 -3.93 7.33
C LYS A 5 15.74 -5.41 7.47
N GLU A 6 15.69 -5.90 8.71
CA GLU A 6 15.37 -7.31 8.94
C GLU A 6 13.91 -7.58 8.57
N LYS A 7 13.03 -6.64 8.92
CA LYS A 7 11.63 -6.77 8.59
C LYS A 7 11.56 -6.75 7.05
N TYR A 8 12.32 -5.86 6.42
CA TYR A 8 12.30 -5.79 4.95
C TYR A 8 12.66 -7.15 4.34
N LEU A 9 13.82 -7.67 4.73
CA LEU A 9 14.23 -8.94 4.17
C LEU A 9 13.41 -10.16 4.56
N ASN A 10 12.97 -10.25 5.82
CA ASN A 10 12.24 -11.43 6.25
C ASN A 10 10.73 -11.42 6.06
N GLU A 11 10.17 -10.23 5.98
CA GLU A 11 8.73 -10.17 5.86
C GLU A 11 8.32 -9.46 4.59
N VAL A 12 8.93 -8.32 4.33
CA VAL A 12 8.49 -7.53 3.16
C VAL A 12 8.82 -8.16 1.81
N VAL A 13 10.04 -8.65 1.67
CA VAL A 13 10.46 -9.22 0.36
C VAL A 13 9.57 -10.38 -0.05
N PRO A 14 9.36 -11.35 0.85
CA PRO A 14 8.49 -12.47 0.43
C PRO A 14 7.06 -11.97 0.18
N ALA A 15 6.61 -10.98 0.94
CA ALA A 15 5.26 -10.46 0.74
C ALA A 15 5.16 -9.79 -0.65
N LEU A 16 6.20 -9.07 -1.06
CA LEU A 16 6.21 -8.40 -2.36
C LEU A 16 6.36 -9.48 -3.42
N MET A 17 7.17 -10.50 -3.14
CA MET A 17 7.31 -11.59 -4.12
C MET A 17 5.93 -12.21 -4.40
N SER A 18 5.10 -12.32 -3.36
CA SER A 18 3.76 -12.89 -3.51
C SER A 18 2.79 -11.90 -4.13
N LYS A 19 2.89 -10.64 -3.74
CA LYS A 19 2.00 -9.59 -4.24
C LYS A 19 2.20 -9.25 -5.70
N PHE A 20 3.43 -9.30 -6.18
CA PHE A 20 3.70 -8.96 -7.58
C PHE A 20 4.33 -10.04 -8.42
N ASN A 21 4.58 -11.19 -7.80
CA ASN A 21 5.10 -12.35 -8.51
C ASN A 21 6.33 -12.10 -9.35
N TYR A 22 7.31 -11.42 -8.75
CA TYR A 22 8.54 -11.12 -9.45
C TYR A 22 9.28 -12.39 -9.82
N LYS A 23 10.10 -12.30 -10.86
CA LYS A 23 10.92 -13.42 -11.32
C LYS A 23 11.96 -13.76 -10.27
N SER A 24 12.52 -12.72 -9.65
CA SER A 24 13.53 -12.99 -8.62
C SER A 24 13.61 -11.88 -7.64
N ILE A 25 14.41 -12.11 -6.60
CA ILE A 25 14.56 -11.10 -5.57
C ILE A 25 15.14 -9.79 -6.11
N MET A 26 15.87 -9.86 -7.22
CA MET A 26 16.49 -8.69 -7.81
C MET A 26 15.46 -7.70 -8.36
N GLN A 27 14.26 -8.17 -8.71
CA GLN A 27 13.22 -7.26 -9.19
C GLN A 27 12.36 -6.65 -8.06
N VAL A 28 12.51 -7.15 -6.84
CA VAL A 28 11.72 -6.65 -5.71
C VAL A 28 12.20 -5.26 -5.34
N PRO A 29 11.25 -4.33 -5.19
CA PRO A 29 11.59 -2.96 -4.83
C PRO A 29 12.23 -2.92 -3.45
N LYS A 30 13.16 -1.96 -3.32
CA LYS A 30 13.81 -1.68 -2.04
C LYS A 30 13.82 -0.14 -1.92
N ILE A 31 14.03 0.35 -0.70
CA ILE A 31 14.19 1.80 -0.56
C ILE A 31 15.65 2.07 -0.96
N GLU A 32 15.88 3.04 -1.84
CA GLU A 32 17.24 3.33 -2.29
C GLU A 32 17.88 4.42 -1.44
N LYS A 33 17.14 5.51 -1.25
CA LYS A 33 17.69 6.62 -0.44
C LYS A 33 16.53 7.42 0.12
N ILE A 34 16.79 8.21 1.15
CA ILE A 34 15.73 9.07 1.66
C ILE A 34 16.33 10.48 1.64
N VAL A 35 15.64 11.39 0.96
CA VAL A 35 16.10 12.77 0.83
C VAL A 35 15.24 13.61 1.78
N ILE A 36 15.87 14.22 2.79
CA ILE A 36 15.17 15.04 3.77
C ILE A 36 15.42 16.49 3.40
N ASN A 37 14.36 17.21 3.01
CA ASN A 37 14.50 18.58 2.55
C ASN A 37 13.82 19.63 3.44
N MET A 38 14.50 20.75 3.65
CA MET A 38 13.90 21.84 4.42
C MET A 38 14.02 23.07 3.54
N GLY A 39 12.90 23.52 2.98
CA GLY A 39 12.90 24.68 2.13
C GLY A 39 13.08 25.92 2.95
N VAL A 40 13.85 26.86 2.43
CA VAL A 40 14.07 28.15 3.09
C VAL A 40 14.00 29.09 1.89
N GLY A 41 12.79 29.21 1.35
CA GLY A 41 12.54 30.04 0.19
C GLY A 41 13.45 31.24 0.14
N ASP A 42 13.51 31.99 1.23
CA ASP A 42 14.38 33.13 1.31
C ASP A 42 15.80 32.59 1.44
N ALA A 43 16.35 32.60 2.66
CA ALA A 43 17.71 32.12 2.89
C ALA A 43 18.73 33.11 2.35
N VAL A 44 18.48 33.69 1.18
CA VAL A 44 19.41 34.65 0.64
C VAL A 44 19.32 35.93 1.48
N GLN A 45 18.09 36.36 1.74
CA GLN A 45 17.82 37.57 2.52
C GLN A 45 17.75 37.30 4.02
N ASN A 46 17.72 36.01 4.39
CA ASN A 46 17.68 35.63 5.80
C ASN A 46 18.68 34.50 6.08
N PRO A 47 19.99 34.81 6.01
CA PRO A 47 21.09 33.87 6.24
C PRO A 47 20.91 32.98 7.46
N LYS A 48 20.28 33.51 8.50
CA LYS A 48 20.07 32.74 9.72
C LYS A 48 19.04 31.63 9.57
N ALA A 49 18.04 31.85 8.72
CA ALA A 49 17.03 30.83 8.52
C ALA A 49 17.68 29.63 7.81
N LEU A 50 18.67 29.90 6.95
CA LEU A 50 19.32 28.80 6.23
C LEU A 50 20.21 28.08 7.22
N ASP A 51 20.89 28.84 8.07
CA ASP A 51 21.77 28.26 9.07
C ASP A 51 20.99 27.34 10.01
N SER A 52 19.79 27.77 10.39
CA SER A 52 18.95 26.98 11.28
C SER A 52 18.53 25.69 10.58
N ALA A 53 18.11 25.81 9.33
CA ALA A 53 17.70 24.65 8.56
C ALA A 53 18.83 23.64 8.52
N VAL A 54 20.04 24.12 8.23
CA VAL A 54 21.21 23.25 8.17
C VAL A 54 21.46 22.58 9.51
N GLU A 55 21.32 23.31 10.61
CA GLU A 55 21.57 22.65 11.88
C GLU A 55 20.48 21.68 12.22
N GLU A 56 19.23 22.07 12.01
CA GLU A 56 18.12 21.17 12.33
C GLU A 56 18.17 19.89 11.47
N LEU A 57 18.55 20.01 10.20
CA LEU A 57 18.62 18.80 9.37
C LEU A 57 19.73 17.90 9.88
N THR A 58 20.83 18.49 10.32
CA THR A 58 21.93 17.71 10.88
C THR A 58 21.44 16.92 12.10
N LEU A 59 20.62 17.56 12.92
CA LEU A 59 20.08 16.92 14.10
C LEU A 59 19.10 15.81 13.73
N ILE A 60 18.23 16.12 12.78
CA ILE A 60 17.22 15.20 12.32
C ILE A 60 17.76 13.97 11.59
N ALA A 61 18.78 14.16 10.75
CA ALA A 61 19.28 13.05 9.95
C ALA A 61 20.57 12.38 10.40
N GLY A 62 21.23 12.98 11.38
CA GLY A 62 22.49 12.43 11.84
C GLY A 62 23.54 12.50 10.73
N GLN A 63 23.42 13.48 9.85
CA GLN A 63 24.34 13.64 8.73
C GLN A 63 24.28 15.09 8.23
N ARG A 64 25.39 15.62 7.73
CA ARG A 64 25.41 17.00 7.26
C ARG A 64 24.72 17.25 5.93
N PRO A 65 23.82 18.25 5.87
CA PRO A 65 23.13 18.53 4.63
C PRO A 65 23.94 19.34 3.65
N VAL A 66 23.37 19.54 2.47
CA VAL A 66 23.98 20.36 1.45
C VAL A 66 22.95 21.42 1.11
N VAL A 67 23.43 22.60 0.77
CA VAL A 67 22.53 23.67 0.44
C VAL A 67 21.90 23.47 -0.94
N THR A 68 20.60 23.70 -1.05
CA THR A 68 19.93 23.54 -2.35
C THR A 68 19.83 24.92 -2.99
N ARG A 69 19.81 24.94 -4.33
CA ARG A 69 19.75 26.21 -5.06
C ARG A 69 18.74 26.34 -6.19
N ALA A 70 18.35 27.55 -6.49
CA ALA A 70 17.37 27.81 -7.55
C ALA A 70 17.95 27.41 -8.91
N LYS A 71 17.08 26.86 -9.76
CA LYS A 71 17.46 26.41 -11.10
C LYS A 71 17.38 27.53 -12.13
N LYS A 72 17.84 27.28 -13.35
CA LYS A 72 17.82 28.31 -14.38
C LYS A 72 16.40 28.85 -14.61
N SER A 73 16.28 30.14 -14.91
CA SER A 73 14.97 30.77 -15.14
C SER A 73 15.00 32.13 -15.85
N ILE A 74 13.82 32.72 -15.97
CA ILE A 74 13.66 34.03 -16.63
C ILE A 74 13.52 35.14 -15.58
N ALA A 75 12.32 35.26 -15.02
CA ALA A 75 12.03 36.26 -14.01
C ALA A 75 12.13 35.66 -12.60
N GLY A 76 12.03 36.54 -11.60
CA GLY A 76 12.12 36.12 -10.21
C GLY A 76 12.68 37.27 -9.40
N PHE A 77 12.20 38.47 -9.71
CA PHE A 77 12.64 39.69 -9.05
C PHE A 77 14.09 40.02 -9.45
N ARG A 78 14.43 39.60 -10.68
CA ARG A 78 15.76 39.81 -11.25
C ARG A 78 16.79 39.14 -10.34
N LEU A 79 17.67 38.33 -10.94
CA LEU A 79 18.68 37.57 -10.17
C LEU A 79 17.93 36.36 -9.60
N ARG A 80 18.43 35.14 -9.80
CA ARG A 80 17.71 33.98 -9.30
C ARG A 80 18.46 32.64 -9.37
N GLN A 81 18.83 32.15 -10.56
CA GLN A 81 19.55 30.88 -10.68
C GLN A 81 20.77 30.86 -9.77
N GLY A 82 20.89 29.82 -8.94
CA GLY A 82 22.03 29.70 -8.04
C GLY A 82 21.83 30.16 -6.61
N MET A 83 20.76 30.91 -6.36
CA MET A 83 20.46 31.42 -5.01
C MET A 83 20.09 30.26 -4.09
N PRO A 84 20.55 30.27 -2.83
CA PRO A 84 20.19 29.16 -1.95
C PRO A 84 18.68 29.23 -1.69
N ILE A 85 18.03 28.07 -1.67
CA ILE A 85 16.59 28.03 -1.42
C ILE A 85 16.22 27.00 -0.34
N GLY A 86 17.22 26.44 0.32
CA GLY A 86 16.96 25.45 1.35
C GLY A 86 18.17 24.55 1.59
N ALA A 87 17.93 23.38 2.17
CA ALA A 87 19.02 22.47 2.42
C ALA A 87 18.42 21.09 2.39
N LYS A 88 19.24 20.10 2.09
CA LYS A 88 18.77 18.73 2.05
C LYS A 88 19.86 17.78 2.47
N VAL A 89 19.43 16.61 2.93
CA VAL A 89 20.38 15.58 3.29
C VAL A 89 19.85 14.29 2.73
N THR A 90 20.72 13.55 2.06
CA THR A 90 20.31 12.28 1.48
C THR A 90 20.89 11.11 2.31
N LEU A 91 20.01 10.27 2.87
CA LEU A 91 20.44 9.12 3.67
C LEU A 91 20.40 7.80 2.87
N ARG A 92 21.39 6.96 3.10
CA ARG A 92 21.46 5.66 2.43
C ARG A 92 21.83 4.63 3.45
N GLY A 93 21.69 3.37 3.08
CA GLY A 93 22.11 2.31 3.98
C GLY A 93 21.59 2.24 5.41
N GLU A 94 22.49 1.85 6.29
CA GLU A 94 22.09 1.68 7.68
C GLU A 94 21.45 2.91 8.29
N ARG A 95 22.03 4.09 8.05
CA ARG A 95 21.47 5.32 8.62
C ARG A 95 20.07 5.59 8.08
N MET A 96 19.87 5.21 6.82
CA MET A 96 18.59 5.41 6.18
C MET A 96 17.55 4.54 6.87
N TYR A 97 17.87 3.27 7.13
CA TYR A 97 16.90 2.40 7.81
C TYR A 97 16.64 2.85 9.24
N GLU A 98 17.67 3.34 9.91
CA GLU A 98 17.48 3.81 11.26
C GLU A 98 16.53 5.01 11.25
N PHE A 99 16.75 5.92 10.31
CA PHE A 99 15.92 7.10 10.22
C PHE A 99 14.47 6.75 9.93
N LEU A 100 14.23 5.88 8.94
CA LEU A 100 12.86 5.52 8.59
C LEU A 100 12.13 4.77 9.71
N ASP A 101 12.86 3.91 10.41
CA ASP A 101 12.30 3.16 11.51
C ASP A 101 11.78 4.15 12.55
N LYS A 102 12.58 5.16 12.88
CA LYS A 102 12.15 6.15 13.87
C LYS A 102 11.03 7.03 13.35
N LEU A 103 11.09 7.34 12.05
CA LEU A 103 10.08 8.15 11.42
C LEU A 103 8.73 7.48 11.55
N ILE A 104 8.68 6.19 11.23
CA ILE A 104 7.46 5.43 11.27
C ILE A 104 6.91 5.18 12.66
N SER A 105 7.78 4.77 13.57
CA SER A 105 7.36 4.41 14.91
C SER A 105 7.35 5.49 15.94
N VAL A 106 8.10 6.55 15.72
CA VAL A 106 8.17 7.63 16.71
C VAL A 106 7.64 8.98 16.26
N SER A 107 8.23 9.51 15.19
CA SER A 107 7.87 10.84 14.71
C SER A 107 6.51 11.07 14.12
N LEU A 108 6.17 10.35 13.06
CA LEU A 108 4.89 10.56 12.42
C LEU A 108 3.70 10.47 13.37
N PRO A 109 3.68 9.51 14.30
CA PRO A 109 2.53 9.44 15.22
C PRO A 109 2.40 10.66 16.11
N ARG A 110 3.52 11.37 16.31
CA ARG A 110 3.57 12.56 17.15
C ARG A 110 2.99 13.81 16.49
N ALA A 111 2.62 13.69 15.22
CA ALA A 111 2.05 14.81 14.48
C ALA A 111 0.69 15.23 15.02
N ARG A 112 0.47 16.54 15.06
CA ARG A 112 -0.76 17.15 15.51
C ARG A 112 -1.96 16.49 14.84
N ASP A 113 -2.97 16.14 15.65
CA ASP A 113 -4.18 15.54 15.14
C ASP A 113 -3.82 14.50 14.09
N PHE A 114 -2.89 13.62 14.46
CA PHE A 114 -2.44 12.58 13.55
C PHE A 114 -3.57 11.62 13.19
N ARG A 115 -3.70 11.36 11.88
CA ARG A 115 -4.71 10.46 11.36
C ARG A 115 -4.09 9.58 10.24
N GLY A 116 -2.77 9.43 10.25
CA GLY A 116 -2.07 8.68 9.22
C GLY A 116 -1.58 9.60 8.12
N VAL A 117 -0.68 9.10 7.27
CA VAL A 117 -0.10 9.89 6.18
C VAL A 117 -0.73 9.59 4.82
N SER A 118 -0.59 10.52 3.89
CA SER A 118 -1.20 10.40 2.56
C SER A 118 -0.77 9.21 1.70
N LYS A 119 -1.76 8.53 1.14
CA LYS A 119 -1.52 7.38 0.26
C LYS A 119 -1.35 7.88 -1.17
N LYS A 120 -1.63 9.17 -1.36
CA LYS A 120 -1.57 9.74 -2.69
C LYS A 120 -0.33 10.50 -3.15
N SER A 121 0.51 10.95 -2.22
CA SER A 121 1.67 11.74 -2.60
C SER A 121 2.90 11.00 -3.18
N PHE A 122 2.69 10.30 -4.30
CA PHE A 122 3.77 9.60 -5.00
C PHE A 122 4.00 10.37 -6.29
N ASP A 123 5.21 10.30 -6.83
CA ASP A 123 5.53 11.06 -8.04
C ASP A 123 5.28 10.40 -9.38
N GLY A 124 4.65 9.23 -9.38
CA GLY A 124 4.40 8.55 -10.63
C GLY A 124 5.58 7.72 -11.09
N ARG A 125 6.68 7.80 -10.36
CA ARG A 125 7.86 7.03 -10.73
C ARG A 125 8.32 6.13 -9.57
N GLY A 126 7.44 5.85 -8.64
CA GLY A 126 7.81 4.97 -7.54
C GLY A 126 8.43 5.63 -6.34
N ASN A 127 8.34 6.95 -6.25
CA ASN A 127 8.93 7.62 -5.09
C ASN A 127 7.86 8.27 -4.28
N TYR A 128 8.05 8.28 -2.97
CA TYR A 128 7.05 8.83 -2.07
C TYR A 128 7.47 10.15 -1.44
N THR A 129 6.59 11.15 -1.48
CA THR A 129 6.92 12.41 -0.85
C THR A 129 6.06 12.60 0.39
N LEU A 130 6.70 12.81 1.52
CA LEU A 130 5.99 13.00 2.78
C LEU A 130 6.11 14.48 3.21
N GLY A 131 5.01 15.23 3.11
CA GLY A 131 5.03 16.62 3.53
C GLY A 131 4.90 16.67 5.04
N ILE A 132 5.87 17.28 5.72
CA ILE A 132 5.86 17.34 7.18
C ILE A 132 5.51 18.80 7.60
N LYS A 133 4.39 18.97 8.33
CA LYS A 133 3.92 20.29 8.77
C LYS A 133 4.83 20.98 9.79
N GLU A 134 5.29 20.20 10.75
CA GLU A 134 6.12 20.69 11.85
C GLU A 134 7.32 19.81 12.10
N GLN A 135 8.51 20.38 11.94
CA GLN A 135 9.73 19.63 12.19
C GLN A 135 9.79 19.17 13.64
N LEU A 136 8.92 19.70 14.49
CA LEU A 136 8.92 19.33 15.91
C LEU A 136 8.64 17.84 16.19
N ILE A 137 8.02 17.15 15.23
CA ILE A 137 7.74 15.74 15.44
C ILE A 137 9.00 14.90 15.65
N PHE A 138 10.14 15.43 15.24
CA PHE A 138 11.39 14.71 15.41
C PHE A 138 11.92 14.93 16.82
N PRO A 139 12.14 13.84 17.58
CA PRO A 139 12.63 13.98 18.94
C PRO A 139 13.98 14.66 19.05
N GLU A 140 14.72 14.70 17.93
CA GLU A 140 16.03 15.35 17.93
C GLU A 140 15.89 16.87 17.94
N ILE A 141 14.69 17.35 17.63
CA ILE A 141 14.42 18.78 17.63
C ILE A 141 13.83 19.15 18.98
N ASP A 142 14.30 20.27 19.51
CA ASP A 142 13.79 20.78 20.80
C ASP A 142 13.17 22.15 20.50
N TYR A 143 11.88 22.29 20.70
CA TYR A 143 11.20 23.57 20.47
C TYR A 143 11.93 24.73 21.16
N ASP A 144 12.43 24.50 22.36
CA ASP A 144 13.11 25.55 23.12
C ASP A 144 14.47 25.92 22.56
N LYS A 145 14.92 25.20 21.52
CA LYS A 145 16.22 25.48 20.91
C LYS A 145 16.12 25.82 19.41
N VAL A 146 14.91 26.11 18.94
CA VAL A 146 14.72 26.45 17.55
C VAL A 146 14.09 27.83 17.43
N ASN A 147 14.40 28.52 16.33
CA ASN A 147 13.85 29.85 16.13
C ASN A 147 12.38 29.85 15.82
N LYS A 148 11.84 28.68 15.49
CA LYS A 148 10.43 28.56 15.19
C LYS A 148 10.05 27.24 14.55
N VAL A 149 8.77 26.91 14.71
CA VAL A 149 8.22 25.69 14.14
C VAL A 149 8.23 25.93 12.63
N ARG A 150 8.49 24.87 11.86
CA ARG A 150 8.51 24.99 10.41
C ARG A 150 8.31 23.60 9.79
N GLY A 151 7.94 23.57 8.52
CA GLY A 151 7.72 22.29 7.86
C GLY A 151 8.91 21.79 7.05
N MET A 152 8.76 20.62 6.44
CA MET A 152 9.82 20.04 5.65
C MET A 152 9.21 18.96 4.77
N ASP A 153 10.00 18.40 3.86
CA ASP A 153 9.52 17.31 3.00
C ASP A 153 10.52 16.18 3.12
N ILE A 154 10.03 14.94 3.03
CA ILE A 154 10.92 13.79 3.06
C ILE A 154 10.58 12.98 1.83
N VAL A 155 11.54 12.81 0.92
CA VAL A 155 11.28 12.02 -0.26
C VAL A 155 11.93 10.64 -0.10
N ILE A 156 11.10 9.59 -0.18
CA ILE A 156 11.58 8.21 -0.04
C ILE A 156 11.65 7.65 -1.47
N VAL A 157 12.87 7.50 -1.96
CA VAL A 157 13.15 7.03 -3.31
C VAL A 157 13.30 5.51 -3.26
N THR A 158 12.50 4.81 -4.07
CA THR A 158 12.55 3.34 -4.09
C THR A 158 12.98 2.89 -5.49
N THR A 159 13.23 1.59 -5.60
CA THR A 159 13.62 1.06 -6.91
C THR A 159 12.38 0.50 -7.61
N ALA A 160 11.18 0.79 -7.07
CA ALA A 160 9.94 0.32 -7.71
C ALA A 160 9.72 1.03 -9.04
N ASN A 161 9.23 0.30 -10.04
CA ASN A 161 8.92 0.94 -11.33
C ASN A 161 7.66 1.77 -11.22
N THR A 162 6.76 1.44 -10.30
CA THR A 162 5.48 2.15 -10.20
C THR A 162 5.14 2.59 -8.79
N ASP A 163 4.23 3.57 -8.68
CA ASP A 163 3.79 4.06 -7.37
C ASP A 163 3.12 2.94 -6.63
N GLU A 164 2.34 2.12 -7.36
CA GLU A 164 1.61 1.04 -6.73
C GLU A 164 2.54 0.06 -6.03
N GLU A 165 3.66 -0.26 -6.67
CA GLU A 165 4.63 -1.19 -6.08
C GLU A 165 5.37 -0.49 -4.93
N ALA A 166 5.67 0.79 -5.11
CA ALA A 166 6.33 1.53 -4.02
C ALA A 166 5.40 1.65 -2.83
N ARG A 167 4.11 1.89 -3.06
CA ARG A 167 3.17 2.01 -1.96
C ARG A 167 3.07 0.74 -1.15
N GLU A 168 3.06 -0.41 -1.83
CA GLU A 168 2.96 -1.68 -1.14
C GLU A 168 4.26 -1.89 -0.32
N LEU A 169 5.39 -1.54 -0.91
CA LEU A 169 6.67 -1.70 -0.20
C LEU A 169 6.57 -0.86 1.08
N LEU A 170 6.17 0.41 0.95
CA LEU A 170 6.12 1.23 2.15
C LEU A 170 5.06 0.75 3.17
N ALA A 171 3.88 0.33 2.71
CA ALA A 171 2.86 -0.13 3.64
C ALA A 171 3.33 -1.36 4.41
N LEU A 172 4.02 -2.28 3.71
CA LEU A 172 4.51 -3.49 4.34
C LEU A 172 5.61 -3.18 5.33
N LEU A 173 6.38 -2.11 5.09
CA LEU A 173 7.45 -1.68 6.01
C LEU A 173 6.83 -0.98 7.23
N GLY A 174 5.53 -0.63 7.16
CA GLY A 174 4.85 -0.01 8.29
C GLY A 174 4.46 1.46 8.16
N MET A 175 4.64 2.05 6.98
CA MET A 175 4.30 3.46 6.79
C MET A 175 2.82 3.56 7.18
N PRO A 176 2.50 4.43 8.16
CA PRO A 176 1.12 4.60 8.64
C PRO A 176 0.18 5.37 7.74
N PHE A 177 -0.12 4.77 6.60
CA PHE A 177 -0.98 5.40 5.60
C PHE A 177 -2.44 5.63 6.08
N GLN A 178 -3.01 6.76 5.71
CA GLN A 178 -4.40 7.06 6.07
C GLN A 178 -5.26 5.93 5.51
N LYS A 179 -6.40 5.68 6.13
CA LYS A 179 -7.31 4.62 5.70
C LYS A 179 -8.73 5.06 6.02
N MET B 1 -31.53 -19.29 -8.75
CA MET B 1 -30.69 -18.59 -7.73
C MET B 1 -29.56 -19.49 -7.24
N ASN B 2 -28.54 -18.89 -6.63
CA ASN B 2 -27.40 -19.63 -6.11
C ASN B 2 -27.65 -20.04 -4.66
N ARG B 3 -27.18 -21.23 -4.31
CA ARG B 3 -27.32 -21.77 -2.97
C ARG B 3 -26.92 -20.80 -1.86
N LEU B 4 -25.85 -20.04 -2.11
CA LEU B 4 -25.38 -19.11 -1.10
C LEU B 4 -26.20 -17.81 -1.04
N LYS B 5 -26.67 -17.31 -2.17
CA LYS B 5 -27.46 -16.09 -2.18
C LYS B 5 -28.75 -16.37 -1.40
N GLU B 6 -29.29 -17.57 -1.60
CA GLU B 6 -30.51 -17.98 -0.90
C GLU B 6 -30.28 -17.98 0.61
N LYS B 7 -29.07 -18.35 1.03
CA LYS B 7 -28.75 -18.37 2.44
C LYS B 7 -28.62 -16.96 3.01
N TYR B 8 -28.07 -16.04 2.22
CA TYR B 8 -27.92 -14.66 2.65
C TYR B 8 -29.31 -14.07 2.88
N LEU B 9 -30.16 -14.24 1.89
CA LEU B 9 -31.51 -13.72 1.94
C LEU B 9 -32.42 -14.41 2.95
N ASN B 10 -32.58 -15.73 2.79
CA ASN B 10 -33.45 -16.50 3.67
C ASN B 10 -32.88 -16.87 5.02
N GLU B 11 -31.65 -16.47 5.31
CA GLU B 11 -31.08 -16.80 6.62
C GLU B 11 -30.22 -15.77 7.31
N VAL B 12 -29.27 -15.18 6.59
CA VAL B 12 -28.38 -14.20 7.20
C VAL B 12 -29.01 -12.84 7.46
N VAL B 13 -29.80 -12.37 6.51
CA VAL B 13 -30.47 -11.09 6.66
C VAL B 13 -31.29 -11.12 7.94
N PRO B 14 -32.18 -12.13 8.09
CA PRO B 14 -33.01 -12.23 9.29
C PRO B 14 -32.17 -12.17 10.56
N ALA B 15 -31.17 -13.04 10.62
CA ALA B 15 -30.27 -13.13 11.76
C ALA B 15 -29.62 -11.78 12.03
N LEU B 16 -29.08 -11.17 10.99
CA LEU B 16 -28.44 -9.87 11.12
C LEU B 16 -29.46 -8.88 11.66
N MET B 17 -30.71 -9.04 11.23
CA MET B 17 -31.80 -8.18 11.67
C MET B 17 -31.96 -8.31 13.19
N SER B 18 -32.44 -9.47 13.62
CA SER B 18 -32.67 -9.74 15.04
C SER B 18 -31.38 -9.94 15.83
N LYS B 19 -30.37 -9.13 15.53
CA LYS B 19 -29.11 -9.21 16.24
C LYS B 19 -28.37 -7.89 16.14
N PHE B 20 -28.83 -7.03 15.23
CA PHE B 20 -28.22 -5.72 15.05
C PHE B 20 -29.31 -4.65 14.86
N ASN B 21 -30.56 -5.10 14.77
CA ASN B 21 -31.70 -4.21 14.57
C ASN B 21 -31.76 -3.67 13.15
N TYR B 22 -31.03 -2.58 12.89
CA TYR B 22 -31.01 -1.95 11.56
C TYR B 22 -32.39 -1.40 11.25
N LYS B 23 -32.45 -0.20 10.65
CA LYS B 23 -33.73 0.40 10.30
C LYS B 23 -34.57 -0.57 9.47
N SER B 24 -33.97 -1.06 8.37
CA SER B 24 -34.66 -2.00 7.48
C SER B 24 -33.64 -2.86 6.73
N ILE B 25 -34.13 -3.64 5.78
CA ILE B 25 -33.28 -4.52 4.98
C ILE B 25 -32.23 -3.67 4.26
N MET B 26 -32.61 -2.42 3.99
CA MET B 26 -31.75 -1.47 3.31
C MET B 26 -30.46 -1.14 4.08
N GLN B 27 -30.51 -1.30 5.40
CA GLN B 27 -29.33 -1.03 6.22
C GLN B 27 -28.52 -2.29 6.52
N VAL B 28 -29.11 -3.46 6.26
CA VAL B 28 -28.41 -4.71 6.51
C VAL B 28 -27.23 -4.84 5.55
N PRO B 29 -26.04 -5.16 6.07
CA PRO B 29 -24.86 -5.30 5.21
C PRO B 29 -24.94 -6.48 4.24
N LYS B 30 -24.37 -6.29 3.05
CA LYS B 30 -24.32 -7.35 2.06
C LYS B 30 -22.90 -7.41 1.53
N ILE B 31 -22.57 -8.50 0.84
CA ILE B 31 -21.27 -8.57 0.21
C ILE B 31 -21.54 -7.82 -1.10
N GLU B 32 -20.82 -6.74 -1.31
CA GLU B 32 -21.01 -5.96 -2.53
C GLU B 32 -20.35 -6.60 -3.72
N LYS B 33 -19.10 -7.01 -3.50
CA LYS B 33 -18.35 -7.60 -4.59
C LYS B 33 -17.11 -8.27 -4.00
N ILE B 34 -16.54 -9.18 -4.78
CA ILE B 34 -15.29 -9.85 -4.38
C ILE B 34 -14.28 -9.56 -5.49
N VAL B 35 -13.10 -9.04 -5.12
CA VAL B 35 -12.06 -8.70 -6.08
C VAL B 35 -10.93 -9.69 -5.89
N ILE B 36 -10.55 -10.34 -6.98
CA ILE B 36 -9.50 -11.36 -6.97
C ILE B 36 -8.36 -10.77 -7.75
N ASN B 37 -7.24 -10.62 -7.08
CA ASN B 37 -6.12 -9.96 -7.66
C ASN B 37 -4.85 -10.81 -7.79
N MET B 38 -4.14 -10.61 -8.88
CA MET B 38 -2.85 -11.27 -9.07
C MET B 38 -1.89 -10.23 -9.63
N GLY B 39 -0.91 -9.79 -8.81
CA GLY B 39 0.01 -8.79 -9.31
C GLY B 39 1.03 -9.40 -10.27
N VAL B 40 1.54 -8.57 -11.18
CA VAL B 40 2.54 -8.97 -12.15
C VAL B 40 3.49 -7.79 -12.31
N GLY B 41 4.54 -7.78 -11.50
CA GLY B 41 5.47 -6.68 -11.55
C GLY B 41 6.48 -6.69 -12.70
N ASP B 42 6.59 -7.79 -13.43
CA ASP B 42 7.55 -7.80 -14.52
C ASP B 42 6.81 -7.80 -15.86
N ALA B 43 5.54 -7.35 -15.82
CA ALA B 43 4.69 -7.36 -17.01
C ALA B 43 5.23 -6.76 -18.31
N VAL B 44 5.91 -5.62 -18.27
CA VAL B 44 6.39 -5.05 -19.52
C VAL B 44 7.56 -5.87 -20.06
N GLN B 45 8.52 -6.18 -19.20
CA GLN B 45 9.67 -6.96 -19.60
C GLN B 45 9.35 -8.44 -19.77
N ASN B 46 8.28 -8.89 -19.11
CA ASN B 46 7.91 -10.30 -19.20
C ASN B 46 6.41 -10.49 -19.49
N PRO B 47 5.96 -10.11 -20.70
CA PRO B 47 4.57 -10.21 -21.12
C PRO B 47 3.93 -11.57 -20.84
N LYS B 48 4.71 -12.63 -21.00
CA LYS B 48 4.16 -13.97 -20.76
C LYS B 48 3.68 -14.17 -19.34
N ALA B 49 4.31 -13.48 -18.38
CA ALA B 49 3.93 -13.58 -16.98
C ALA B 49 2.54 -12.95 -16.82
N LEU B 50 2.28 -11.89 -17.58
CA LEU B 50 0.97 -11.28 -17.49
C LEU B 50 -0.06 -12.21 -18.12
N ASP B 51 0.29 -12.83 -19.24
CA ASP B 51 -0.65 -13.74 -19.89
C ASP B 51 -0.99 -14.87 -18.97
N SER B 52 0.02 -15.41 -18.28
CA SER B 52 -0.22 -16.51 -17.38
C SER B 52 -1.15 -16.09 -16.26
N ALA B 53 -0.94 -14.89 -15.70
CA ALA B 53 -1.77 -14.43 -14.59
C ALA B 53 -3.24 -14.29 -15.10
N VAL B 54 -3.38 -13.71 -16.26
CA VAL B 54 -4.73 -13.47 -16.84
C VAL B 54 -5.45 -14.81 -17.00
N GLU B 55 -4.74 -15.79 -17.55
CA GLU B 55 -5.34 -17.09 -17.76
C GLU B 55 -5.72 -17.76 -16.45
N GLU B 56 -4.79 -17.77 -15.48
CA GLU B 56 -5.10 -18.38 -14.23
C GLU B 56 -6.26 -17.73 -13.44
N LEU B 57 -6.36 -16.40 -13.48
CA LEU B 57 -7.44 -15.71 -12.79
C LEU B 57 -8.78 -16.08 -13.45
N THR B 58 -8.73 -16.20 -14.77
CA THR B 58 -9.94 -16.53 -15.54
C THR B 58 -10.44 -17.89 -15.10
N LEU B 59 -9.53 -18.86 -15.03
CA LEU B 59 -9.91 -20.19 -14.59
C LEU B 59 -10.42 -20.22 -13.16
N ILE B 60 -9.79 -19.42 -12.29
CA ILE B 60 -10.20 -19.42 -10.90
C ILE B 60 -11.52 -18.68 -10.63
N ALA B 61 -11.69 -17.53 -11.24
CA ALA B 61 -12.89 -16.74 -10.96
C ALA B 61 -14.10 -17.07 -11.82
N GLY B 62 -13.87 -17.76 -12.93
CA GLY B 62 -14.98 -18.10 -13.83
C GLY B 62 -15.36 -16.85 -14.59
N GLN B 63 -14.45 -15.90 -14.59
CA GLN B 63 -14.66 -14.65 -15.27
C GLN B 63 -13.27 -14.09 -15.59
N ARG B 64 -13.15 -13.43 -16.73
CA ARG B 64 -11.87 -12.89 -17.13
C ARG B 64 -11.59 -11.59 -16.39
N PRO B 65 -10.32 -11.36 -16.06
CA PRO B 65 -9.96 -10.15 -15.33
C PRO B 65 -9.76 -8.93 -16.21
N VAL B 66 -9.50 -7.81 -15.54
CA VAL B 66 -9.20 -6.58 -16.24
C VAL B 66 -7.72 -6.35 -15.89
N VAL B 67 -6.91 -6.01 -16.90
CA VAL B 67 -5.48 -5.74 -16.66
C VAL B 67 -5.32 -4.44 -15.86
N THR B 68 -4.56 -4.54 -14.78
CA THR B 68 -4.32 -3.42 -13.88
C THR B 68 -3.19 -2.58 -14.45
N ARG B 69 -3.39 -1.28 -14.55
CA ARG B 69 -2.35 -0.43 -15.10
C ARG B 69 -2.02 0.63 -14.05
N ALA B 70 -0.77 1.03 -14.02
CA ALA B 70 -0.28 2.04 -13.10
C ALA B 70 -1.06 3.33 -13.31
N LYS B 71 -1.61 3.88 -12.23
CA LYS B 71 -2.40 5.12 -12.29
C LYS B 71 -1.76 6.20 -13.16
N LYS B 72 -0.44 6.25 -13.22
CA LYS B 72 0.17 7.28 -14.03
C LYS B 72 1.58 7.07 -14.52
N SER B 73 1.94 7.94 -15.46
CA SER B 73 3.27 8.01 -16.05
C SER B 73 3.55 9.47 -15.74
N ILE B 74 2.85 9.90 -14.69
CA ILE B 74 2.83 11.25 -14.12
C ILE B 74 3.18 12.46 -14.99
N ALA B 75 3.00 13.65 -14.40
CA ALA B 75 3.29 14.92 -15.08
C ALA B 75 2.92 14.80 -16.56
N GLY B 76 3.93 14.76 -17.41
CA GLY B 76 3.70 14.64 -18.84
C GLY B 76 2.94 13.39 -19.26
N PHE B 77 2.75 13.28 -20.58
CA PHE B 77 2.05 12.15 -21.19
C PHE B 77 0.58 12.16 -20.84
N ARG B 78 -0.17 13.04 -21.50
CA ARG B 78 -1.61 13.16 -21.27
C ARG B 78 -2.37 11.90 -21.66
N LEU B 79 -2.17 11.44 -22.89
CA LEU B 79 -2.85 10.25 -23.40
C LEU B 79 -1.98 8.99 -23.37
N ARG B 80 -1.05 8.93 -22.43
CA ARG B 80 -0.18 7.78 -22.29
C ARG B 80 -0.81 6.80 -21.30
N GLN B 81 -0.92 5.54 -21.68
CA GLN B 81 -1.51 4.53 -20.78
C GLN B 81 -0.53 4.17 -19.66
N GLY B 82 -1.06 3.77 -18.50
CA GLY B 82 -0.19 3.36 -17.42
C GLY B 82 0.37 1.97 -17.68
N MET B 83 1.53 1.67 -17.10
CA MET B 83 2.18 0.39 -17.27
C MET B 83 1.35 -0.74 -16.63
N PRO B 84 1.31 -1.93 -17.27
CA PRO B 84 0.54 -3.06 -16.71
C PRO B 84 1.29 -3.54 -15.49
N ILE B 85 0.57 -3.80 -14.40
CA ILE B 85 1.17 -4.28 -13.15
C ILE B 85 0.44 -5.48 -12.54
N GLY B 86 -0.50 -6.06 -13.29
CA GLY B 86 -1.22 -7.21 -12.79
C GLY B 86 -2.59 -7.30 -13.46
N ALA B 87 -3.50 -8.03 -12.84
CA ALA B 87 -4.87 -8.18 -13.33
C ALA B 87 -5.82 -8.50 -12.18
N LYS B 88 -7.09 -8.10 -12.32
CA LYS B 88 -8.07 -8.32 -11.26
C LYS B 88 -9.43 -8.67 -11.83
N VAL B 89 -10.11 -9.58 -11.16
CA VAL B 89 -11.46 -10.00 -11.55
C VAL B 89 -12.36 -9.41 -10.50
N THR B 90 -13.43 -8.74 -10.88
CA THR B 90 -14.33 -8.27 -9.86
C THR B 90 -15.64 -9.04 -10.07
N LEU B 91 -16.04 -9.80 -9.05
CA LEU B 91 -17.26 -10.58 -9.18
C LEU B 91 -18.39 -9.95 -8.36
N ARG B 92 -19.59 -10.04 -8.91
CA ARG B 92 -20.79 -9.54 -8.26
C ARG B 92 -21.89 -10.57 -8.39
N GLY B 93 -22.87 -10.47 -7.51
CA GLY B 93 -24.02 -11.37 -7.56
C GLY B 93 -23.78 -12.86 -7.67
N GLU B 94 -24.47 -13.48 -8.63
CA GLU B 94 -24.41 -14.92 -8.85
C GLU B 94 -23.01 -15.51 -8.96
N ARG B 95 -22.20 -15.01 -9.89
CA ARG B 95 -20.84 -15.51 -10.04
C ARG B 95 -20.07 -15.31 -8.74
N MET B 96 -20.28 -14.15 -8.12
CA MET B 96 -19.57 -13.86 -6.87
C MET B 96 -19.94 -14.89 -5.82
N TYR B 97 -21.23 -15.25 -5.73
CA TYR B 97 -21.60 -16.26 -4.75
C TYR B 97 -21.05 -17.63 -5.16
N GLU B 98 -21.01 -17.91 -6.47
CA GLU B 98 -20.51 -19.21 -6.94
C GLU B 98 -19.06 -19.34 -6.48
N PHE B 99 -18.30 -18.27 -6.69
CA PHE B 99 -16.89 -18.24 -6.30
C PHE B 99 -16.74 -18.33 -4.78
N LEU B 100 -17.52 -17.54 -4.04
CA LEU B 100 -17.40 -17.56 -2.59
C LEU B 100 -17.74 -18.92 -2.01
N ASP B 101 -18.73 -19.60 -2.60
CA ASP B 101 -19.15 -20.91 -2.13
C ASP B 101 -17.99 -21.89 -2.21
N LYS B 102 -17.33 -21.90 -3.37
CA LYS B 102 -16.18 -22.76 -3.62
C LYS B 102 -15.01 -22.37 -2.72
N LEU B 103 -14.75 -21.08 -2.60
CA LEU B 103 -13.65 -20.64 -1.75
C LEU B 103 -13.80 -21.15 -0.35
N ILE B 104 -14.98 -20.98 0.21
CA ILE B 104 -15.23 -21.41 1.58
C ILE B 104 -15.16 -22.91 1.80
N SER B 105 -15.83 -23.68 0.95
CA SER B 105 -15.86 -25.11 1.18
C SER B 105 -15.02 -25.99 0.27
N VAL B 106 -14.15 -25.40 -0.53
CA VAL B 106 -13.32 -26.19 -1.40
C VAL B 106 -11.89 -25.68 -1.54
N SER B 107 -11.73 -24.40 -1.85
CA SER B 107 -10.40 -23.83 -2.06
C SER B 107 -9.59 -23.56 -0.80
N LEU B 108 -10.21 -22.92 0.18
CA LEU B 108 -9.52 -22.61 1.43
C LEU B 108 -9.16 -23.89 2.20
N PRO B 109 -10.07 -24.87 2.25
CA PRO B 109 -9.81 -26.13 2.96
C PRO B 109 -8.62 -26.91 2.37
N ARG B 110 -8.17 -26.46 1.21
CA ARG B 110 -7.05 -27.09 0.52
C ARG B 110 -5.75 -26.27 0.72
N ALA B 111 -5.85 -25.16 1.45
CA ALA B 111 -4.69 -24.29 1.71
C ALA B 111 -3.64 -24.98 2.59
N ARG B 112 -2.42 -24.45 2.62
CA ARG B 112 -1.35 -25.03 3.42
C ARG B 112 -1.55 -24.84 4.92
N ASP B 113 -1.43 -25.91 5.69
CA ASP B 113 -1.61 -25.84 7.14
C ASP B 113 -2.89 -25.07 7.47
N PHE B 114 -3.98 -25.37 6.76
CA PHE B 114 -5.23 -24.65 7.01
C PHE B 114 -5.95 -25.03 8.29
N ARG B 115 -6.24 -24.02 9.09
CA ARG B 115 -6.95 -24.20 10.36
C ARG B 115 -7.95 -23.06 10.50
N GLY B 116 -8.31 -22.46 9.37
CA GLY B 116 -9.25 -21.35 9.38
C GLY B 116 -8.56 -20.05 9.02
N VAL B 117 -9.34 -19.06 8.61
CA VAL B 117 -8.79 -17.75 8.24
C VAL B 117 -8.83 -16.84 9.47
N SER B 118 -8.10 -15.73 9.42
CA SER B 118 -8.04 -14.80 10.54
C SER B 118 -9.20 -13.82 10.66
N LYS B 119 -9.77 -13.72 11.85
CA LYS B 119 -10.87 -12.79 12.10
C LYS B 119 -10.35 -11.35 12.13
N LYS B 120 -9.04 -11.20 12.17
CA LYS B 120 -8.42 -9.87 12.25
C LYS B 120 -8.17 -9.12 10.95
N SER B 121 -7.96 -9.84 9.85
CA SER B 121 -7.68 -9.16 8.59
C SER B 121 -8.82 -8.37 7.97
N PHE B 122 -9.31 -7.37 8.71
CA PHE B 122 -10.35 -6.49 8.21
C PHE B 122 -9.68 -5.13 8.04
N ASP B 123 -10.19 -4.31 7.13
CA ASP B 123 -9.60 -3.01 6.85
C ASP B 123 -10.26 -1.89 7.63
N GLY B 124 -10.81 -2.20 8.80
CA GLY B 124 -11.46 -1.18 9.59
C GLY B 124 -12.67 -0.58 8.87
N ARG B 125 -12.91 -1.02 7.63
CA ARG B 125 -14.02 -0.52 6.84
C ARG B 125 -15.01 -1.62 6.43
N GLY B 126 -15.01 -2.71 7.17
CA GLY B 126 -15.92 -3.81 6.85
C GLY B 126 -15.51 -4.65 5.67
N ASN B 127 -14.31 -4.41 5.14
CA ASN B 127 -13.79 -5.16 4.00
C ASN B 127 -12.79 -6.22 4.46
N TYR B 128 -12.95 -7.45 3.98
CA TYR B 128 -12.07 -8.54 4.37
C TYR B 128 -11.04 -8.89 3.27
N THR B 129 -9.78 -9.04 3.67
CA THR B 129 -8.71 -9.38 2.73
C THR B 129 -8.15 -10.75 3.05
N LEU B 130 -8.03 -11.59 2.02
CA LEU B 130 -7.51 -12.93 2.18
C LEU B 130 -6.26 -13.09 1.31
N GLY B 131 -5.11 -13.32 1.95
CA GLY B 131 -3.89 -13.50 1.18
C GLY B 131 -3.72 -14.97 0.82
N ILE B 132 -3.45 -15.22 -0.45
CA ILE B 132 -3.33 -16.58 -0.92
C ILE B 132 -1.91 -16.77 -1.42
N LYS B 133 -1.14 -17.57 -0.71
CA LYS B 133 0.23 -17.80 -1.09
C LYS B 133 0.41 -18.57 -2.40
N GLU B 134 -0.50 -19.50 -2.69
CA GLU B 134 -0.35 -20.30 -3.91
C GLU B 134 -1.66 -20.41 -4.68
N GLN B 135 -1.63 -20.09 -5.98
CA GLN B 135 -2.83 -20.19 -6.80
C GLN B 135 -3.23 -21.67 -6.96
N LEU B 136 -2.28 -22.55 -6.66
CA LEU B 136 -2.47 -23.99 -6.70
C LEU B 136 -3.61 -24.50 -5.84
N ILE B 137 -4.04 -23.71 -4.84
CA ILE B 137 -5.11 -24.17 -3.95
C ILE B 137 -6.46 -24.29 -4.65
N PHE B 138 -6.60 -23.61 -5.78
CA PHE B 138 -7.86 -23.68 -6.52
C PHE B 138 -7.85 -24.91 -7.44
N PRO B 139 -8.87 -25.78 -7.33
CA PRO B 139 -8.95 -26.99 -8.17
C PRO B 139 -9.02 -26.73 -9.67
N GLU B 140 -9.41 -25.51 -10.05
CA GLU B 140 -9.48 -25.12 -11.45
C GLU B 140 -8.09 -25.03 -12.07
N ILE B 141 -7.08 -24.98 -11.20
CA ILE B 141 -5.69 -24.88 -11.65
C ILE B 141 -5.06 -26.27 -11.66
N ASP B 142 -4.36 -26.60 -12.76
CA ASP B 142 -3.69 -27.89 -12.88
C ASP B 142 -2.20 -27.68 -12.62
N TYR B 143 -1.70 -28.32 -11.56
CA TYR B 143 -0.28 -28.24 -11.21
C TYR B 143 0.68 -28.49 -12.38
N ASP B 144 0.36 -29.47 -13.24
CA ASP B 144 1.21 -29.82 -14.37
C ASP B 144 1.28 -28.74 -15.45
N LYS B 145 0.40 -27.74 -15.36
CA LYS B 145 0.36 -26.65 -16.32
C LYS B 145 0.83 -25.35 -15.68
N VAL B 146 1.40 -25.39 -14.47
CA VAL B 146 1.82 -24.16 -13.79
C VAL B 146 3.33 -23.91 -13.92
N ASN B 147 3.73 -22.73 -14.39
CA ASN B 147 5.16 -22.49 -14.54
C ASN B 147 5.77 -21.70 -13.40
N LYS B 148 4.96 -21.31 -12.44
CA LYS B 148 5.48 -20.55 -11.28
C LYS B 148 4.40 -20.50 -10.22
N VAL B 149 4.78 -20.70 -8.95
CA VAL B 149 3.78 -20.59 -7.90
C VAL B 149 3.50 -19.08 -7.78
N ARG B 150 2.22 -18.69 -7.92
CA ARG B 150 1.88 -17.29 -7.90
C ARG B 150 1.00 -16.98 -6.71
N GLY B 151 1.25 -15.84 -6.05
CA GLY B 151 0.38 -15.48 -4.97
C GLY B 151 -0.74 -14.64 -5.53
N MET B 152 -1.76 -14.44 -4.74
CA MET B 152 -2.90 -13.64 -5.14
C MET B 152 -3.60 -13.18 -3.87
N ASP B 153 -4.59 -12.30 -4.01
CA ASP B 153 -5.30 -11.90 -2.83
C ASP B 153 -6.74 -11.67 -3.20
N ILE B 154 -7.62 -11.89 -2.22
CA ILE B 154 -9.07 -11.76 -2.43
C ILE B 154 -9.57 -10.77 -1.41
N VAL B 155 -10.28 -9.74 -1.88
CA VAL B 155 -10.87 -8.74 -0.98
C VAL B 155 -12.37 -8.87 -1.11
N ILE B 156 -13.03 -9.22 0.00
CA ILE B 156 -14.48 -9.34 0.00
C ILE B 156 -14.97 -8.00 0.52
N VAL B 157 -15.51 -7.19 -0.37
CA VAL B 157 -16.00 -5.87 -0.04
C VAL B 157 -17.44 -5.96 0.43
N THR B 158 -17.70 -5.43 1.63
CA THR B 158 -19.06 -5.47 2.16
C THR B 158 -19.56 -4.05 2.42
N THR B 159 -20.86 -3.90 2.63
CA THR B 159 -21.44 -2.59 2.88
C THR B 159 -21.65 -2.36 4.38
N ALA B 160 -21.03 -3.20 5.21
CA ALA B 160 -21.14 -3.05 6.65
C ALA B 160 -20.35 -1.80 7.07
N ASN B 161 -20.86 -1.08 8.06
CA ASN B 161 -20.20 0.13 8.55
C ASN B 161 -18.97 -0.22 9.39
N THR B 162 -19.07 -1.29 10.16
CA THR B 162 -17.96 -1.71 11.00
C THR B 162 -17.55 -3.15 10.78
N ASP B 163 -16.26 -3.42 10.92
CA ASP B 163 -15.73 -4.76 10.75
C ASP B 163 -16.55 -5.78 11.53
N GLU B 164 -16.78 -5.49 12.80
CA GLU B 164 -17.55 -6.41 13.65
C GLU B 164 -18.80 -6.89 12.92
N GLU B 165 -19.43 -6.00 12.17
CA GLU B 165 -20.63 -6.36 11.40
C GLU B 165 -20.21 -7.22 10.21
N ALA B 166 -19.23 -6.71 9.47
CA ALA B 166 -18.69 -7.40 8.31
C ALA B 166 -18.36 -8.82 8.74
N ARG B 167 -17.72 -8.92 9.90
CA ARG B 167 -17.34 -10.20 10.47
C ARG B 167 -18.56 -11.11 10.61
N GLU B 168 -19.59 -10.59 11.28
CA GLU B 168 -20.82 -11.35 11.51
C GLU B 168 -21.39 -11.85 10.19
N LEU B 169 -21.51 -10.94 9.24
CA LEU B 169 -22.02 -11.28 7.92
C LEU B 169 -21.29 -12.50 7.35
N LEU B 170 -19.98 -12.36 7.19
CA LEU B 170 -19.15 -13.43 6.64
C LEU B 170 -19.27 -14.68 7.48
N ALA B 171 -19.19 -14.53 8.80
CA ALA B 171 -19.31 -15.68 9.67
C ALA B 171 -20.61 -16.40 9.36
N LEU B 172 -21.70 -15.65 9.35
CA LEU B 172 -23.01 -16.23 9.08
C LEU B 172 -23.10 -16.87 7.70
N LEU B 173 -22.33 -16.35 6.73
CA LEU B 173 -22.35 -16.91 5.38
C LEU B 173 -21.52 -18.21 5.29
N GLY B 174 -20.61 -18.38 6.23
CA GLY B 174 -19.79 -19.58 6.23
C GLY B 174 -18.28 -19.42 6.19
N MET B 175 -17.80 -18.18 6.15
CA MET B 175 -16.36 -17.96 6.11
C MET B 175 -15.73 -18.69 7.29
N PRO B 176 -14.84 -19.65 7.02
CA PRO B 176 -14.17 -20.42 8.09
C PRO B 176 -13.13 -19.63 8.88
N PHE B 177 -13.58 -18.81 9.83
CA PHE B 177 -12.66 -18.03 10.65
C PHE B 177 -11.99 -18.94 11.68
N GLN B 178 -10.67 -18.88 11.76
CA GLN B 178 -9.96 -19.69 12.73
C GLN B 178 -10.22 -19.12 14.11
N LYS B 179 -11.06 -19.79 14.89
CA LYS B 179 -11.41 -19.36 16.23
C LYS B 179 -10.37 -19.82 17.25
#